data_2DXE
#
_entry.id   2DXE
#
_cell.length_a   69.802
_cell.length_b   69.802
_cell.length_c   107.093
_cell.angle_alpha   90.00
_cell.angle_beta   90.00
_cell.angle_gamma   120.00
#
_symmetry.space_group_name_H-M   'P 63'
#
loop_
_entity.id
_entity.type
_entity.pdbx_description
1 polymer 'Nucleoside diphosphate kinase'
2 non-polymer 'MAGNESIUM ION'
3 non-polymer 'CHLORIDE ION'
4 non-polymer "GUANOSINE-5'-DIPHOSPHATE"
5 water water
#
_entity_poly.entity_id   1
_entity_poly.type   'polypeptide(L)'
_entity_poly.pdbx_seq_one_letter_code
;MFQMSETERTLVIIKPDAVVRGLIGEIISRFEKKGLKIVGMKMIWIDRELAEKHYEEHREKPFFKALIDYITKTPVVVMV
LEGRYAVEVVRKMAGATDPKDAAPGTIRGDFGLEVSDAICNVIHASDSKESAEREISLFFKPEELFEYPRAADWFYKKGI
;
_entity_poly.pdbx_strand_id   A,B
#
loop_
_chem_comp.id
_chem_comp.type
_chem_comp.name
_chem_comp.formula
CL non-polymer 'CHLORIDE ION' 'Cl -1'
GDP RNA linking GUANOSINE-5'-DIPHOSPHATE 'C10 H15 N5 O11 P2'
MG non-polymer 'MAGNESIUM ION' 'Mg 2'
#
# COMPACT_ATOMS: atom_id res chain seq x y z
N GLU A 6 6.81 -21.76 -12.73
CA GLU A 6 5.38 -21.59 -12.33
C GLU A 6 5.15 -20.21 -11.74
N THR A 7 6.23 -19.52 -11.41
CA THR A 7 6.12 -18.18 -10.83
C THR A 7 5.64 -17.18 -11.87
N GLU A 8 4.57 -16.47 -11.55
CA GLU A 8 4.00 -15.49 -12.46
C GLU A 8 3.76 -14.17 -11.73
N ARG A 9 3.47 -13.13 -12.51
CA ARG A 9 3.16 -11.82 -11.96
C ARG A 9 1.77 -11.45 -12.45
N THR A 10 0.98 -10.84 -11.58
CA THR A 10 -0.35 -10.41 -11.98
C THR A 10 -0.58 -9.01 -11.46
N LEU A 11 -1.47 -8.28 -12.13
CA LEU A 11 -1.77 -6.91 -11.72
C LEU A 11 -3.09 -6.85 -10.96
N VAL A 12 -3.08 -6.13 -9.85
CA VAL A 12 -4.28 -5.95 -9.05
C VAL A 12 -4.54 -4.47 -8.85
N ILE A 13 -5.79 -4.06 -8.95
CA ILE A 13 -6.13 -2.66 -8.70
C ILE A 13 -7.11 -2.65 -7.54
N ILE A 14 -6.75 -1.95 -6.47
CA ILE A 14 -7.65 -1.81 -5.34
C ILE A 14 -8.49 -0.61 -5.78
N LYS A 15 -9.72 -0.90 -6.19
CA LYS A 15 -10.65 0.10 -6.72
C LYS A 15 -11.12 1.20 -5.76
N PRO A 16 -11.69 2.28 -6.32
CA PRO A 16 -12.17 3.41 -5.51
C PRO A 16 -13.08 3.04 -4.34
N ASP A 17 -13.96 2.08 -4.52
CA ASP A 17 -14.83 1.71 -3.41
C ASP A 17 -14.04 1.18 -2.24
N ALA A 18 -12.99 0.39 -2.50
CA ALA A 18 -12.15 -0.15 -1.44
C ALA A 18 -11.33 0.94 -0.77
N VAL A 19 -10.79 1.86 -1.56
CA VAL A 19 -9.98 2.95 -1.03
C VAL A 19 -10.83 3.84 -0.12
N VAL A 20 -12.00 4.25 -0.64
CA VAL A 20 -12.89 5.10 0.13
C VAL A 20 -13.34 4.44 1.42
N ARG A 21 -13.56 3.13 1.38
CA ARG A 21 -14.01 2.38 2.55
C ARG A 21 -12.89 2.01 3.53
N GLY A 22 -11.64 2.33 3.18
CA GLY A 22 -10.52 2.04 4.04
C GLY A 22 -10.18 0.56 4.15
N LEU A 23 -10.25 -0.13 3.02
CA LEU A 23 -9.97 -1.57 2.98
C LEU A 23 -8.65 -1.93 2.31
N ILE A 24 -7.82 -0.93 2.03
CA ILE A 24 -6.54 -1.20 1.37
C ILE A 24 -5.70 -2.22 2.13
N GLY A 25 -5.50 -1.99 3.42
CA GLY A 25 -4.69 -2.88 4.23
C GLY A 25 -5.21 -4.30 4.31
N GLU A 26 -6.50 -4.45 4.54
CA GLU A 26 -7.10 -5.78 4.65
C GLU A 26 -6.92 -6.58 3.35
N ILE A 27 -7.06 -5.91 2.22
CA ILE A 27 -6.89 -6.58 0.94
C ILE A 27 -5.42 -7.00 0.78
N ILE A 28 -4.51 -6.08 1.03
CA ILE A 28 -3.09 -6.40 0.89
C ILE A 28 -2.71 -7.58 1.80
N SER A 29 -3.17 -7.55 3.04
CA SER A 29 -2.86 -8.62 3.98
C SER A 29 -3.26 -10.01 3.49
N ARG A 30 -4.39 -10.10 2.79
CA ARG A 30 -4.81 -11.40 2.30
C ARG A 30 -3.79 -11.97 1.33
N PHE A 31 -3.20 -11.11 0.51
CA PHE A 31 -2.20 -11.56 -0.44
C PHE A 31 -0.90 -11.91 0.27
N GLU A 32 -0.49 -11.10 1.23
CA GLU A 32 0.75 -11.38 1.95
C GLU A 32 0.64 -12.69 2.73
N LYS A 33 -0.52 -12.92 3.35
CA LYS A 33 -0.74 -14.14 4.14
C LYS A 33 -0.76 -15.41 3.29
N LYS A 34 -1.16 -15.26 2.03
CA LYS A 34 -1.22 -16.36 1.08
C LYS A 34 0.20 -16.77 0.66
N GLY A 35 1.13 -15.84 0.81
CA GLY A 35 2.51 -16.10 0.43
C GLY A 35 2.92 -15.31 -0.81
N LEU A 36 1.99 -14.55 -1.38
CA LEU A 36 2.29 -13.75 -2.57
C LEU A 36 3.19 -12.59 -2.22
N LYS A 37 4.05 -12.21 -3.17
CA LYS A 37 5.00 -11.12 -2.97
C LYS A 37 4.62 -9.85 -3.72
N ILE A 38 4.62 -8.71 -3.02
CA ILE A 38 4.30 -7.44 -3.66
C ILE A 38 5.61 -6.95 -4.28
N VAL A 39 5.69 -6.95 -5.61
CA VAL A 39 6.91 -6.51 -6.27
C VAL A 39 6.79 -5.10 -6.83
N GLY A 40 5.58 -4.55 -6.76
CA GLY A 40 5.36 -3.20 -7.24
C GLY A 40 4.06 -2.67 -6.67
N MET A 41 4.01 -1.38 -6.35
CA MET A 41 2.78 -0.82 -5.79
C MET A 41 2.82 0.70 -5.65
N LYS A 42 1.69 1.33 -5.96
CA LYS A 42 1.60 2.78 -5.85
C LYS A 42 0.16 3.26 -5.92
N MET A 43 -0.11 4.37 -5.25
CA MET A 43 -1.43 4.96 -5.27
C MET A 43 -1.37 5.99 -6.40
N ILE A 44 -2.33 5.91 -7.32
CA ILE A 44 -2.39 6.83 -8.45
C ILE A 44 -3.84 7.21 -8.69
N TRP A 45 -4.07 8.22 -9.53
CA TRP A 45 -5.42 8.60 -9.86
C TRP A 45 -5.51 8.43 -11.37
N ILE A 46 -6.19 7.37 -11.79
CA ILE A 46 -6.34 7.04 -13.20
C ILE A 46 -7.22 8.01 -13.95
N ASP A 47 -6.76 8.46 -15.12
CA ASP A 47 -7.54 9.37 -15.93
C ASP A 47 -8.34 8.52 -16.92
N ARG A 48 -9.31 9.13 -17.60
CA ARG A 48 -10.15 8.37 -18.53
C ARG A 48 -9.37 7.67 -19.65
N GLU A 49 -8.38 8.34 -20.22
CA GLU A 49 -7.59 7.75 -21.28
C GLU A 49 -6.92 6.44 -20.84
N LEU A 50 -6.27 6.47 -19.69
CA LEU A 50 -5.60 5.28 -19.17
C LEU A 50 -6.63 4.22 -18.80
N ALA A 51 -7.75 4.66 -18.23
CA ALA A 51 -8.81 3.74 -17.83
C ALA A 51 -9.37 2.99 -19.03
N GLU A 52 -9.60 3.69 -20.13
CA GLU A 52 -10.15 3.05 -21.32
C GLU A 52 -9.14 2.11 -21.96
N LYS A 53 -7.85 2.36 -21.77
CA LYS A 53 -6.84 1.47 -22.32
C LYS A 53 -6.86 0.19 -21.50
N HIS A 54 -6.92 0.35 -20.18
CA HIS A 54 -6.95 -0.80 -19.29
C HIS A 54 -8.17 -1.69 -19.57
N TYR A 55 -9.33 -1.06 -19.75
CA TYR A 55 -10.57 -1.78 -20.01
C TYR A 55 -10.99 -1.80 -21.48
N GLU A 56 -10.03 -1.78 -22.39
CA GLU A 56 -10.33 -1.76 -23.82
C GLU A 56 -11.29 -2.86 -24.27
N GLU A 57 -11.20 -4.02 -23.64
CA GLU A 57 -12.05 -5.15 -24.01
C GLU A 57 -13.55 -4.90 -23.83
N HIS A 58 -13.89 -3.92 -23.00
CA HIS A 58 -15.29 -3.61 -22.70
C HIS A 58 -15.85 -2.39 -23.43
N ARG A 59 -15.06 -1.82 -24.32
CA ARG A 59 -15.46 -0.62 -25.05
C ARG A 59 -16.84 -0.63 -25.69
N GLU A 60 -17.28 -1.77 -26.17
CA GLU A 60 -18.59 -1.84 -26.81
C GLU A 60 -19.70 -2.43 -25.96
N LYS A 61 -19.48 -2.49 -24.65
CA LYS A 61 -20.47 -3.01 -23.73
C LYS A 61 -21.25 -1.84 -23.13
N PRO A 62 -22.53 -2.07 -22.81
CA PRO A 62 -23.38 -1.01 -22.24
C PRO A 62 -22.92 -0.38 -20.94
N PHE A 63 -22.09 -1.09 -20.19
CA PHE A 63 -21.62 -0.57 -18.91
C PHE A 63 -20.25 0.11 -18.98
N PHE A 64 -19.72 0.25 -20.19
CA PHE A 64 -18.40 0.84 -20.35
C PHE A 64 -18.24 2.22 -19.71
N LYS A 65 -19.11 3.15 -20.08
CA LYS A 65 -19.05 4.50 -19.53
C LYS A 65 -19.08 4.52 -18.00
N ALA A 66 -19.99 3.74 -17.42
CA ALA A 66 -20.12 3.66 -15.97
C ALA A 66 -18.86 3.08 -15.34
N LEU A 67 -18.25 2.12 -16.02
CA LEU A 67 -17.05 1.48 -15.52
C LEU A 67 -15.88 2.46 -15.50
N ILE A 68 -15.77 3.29 -16.53
CA ILE A 68 -14.70 4.26 -16.58
C ILE A 68 -14.92 5.30 -15.49
N ASP A 69 -16.17 5.72 -15.28
CA ASP A 69 -16.48 6.68 -14.23
C ASP A 69 -16.07 6.11 -12.88
N TYR A 70 -16.40 4.84 -12.67
CA TYR A 70 -16.10 4.13 -11.43
C TYR A 70 -14.59 4.05 -11.12
N ILE A 71 -13.82 3.49 -12.05
CA ILE A 71 -12.39 3.33 -11.83
C ILE A 71 -11.61 4.64 -11.71
N THR A 72 -12.18 5.74 -12.19
CA THR A 72 -11.51 7.04 -12.11
C THR A 72 -12.12 7.94 -11.04
N LYS A 73 -13.06 7.40 -10.27
CA LYS A 73 -13.75 8.17 -9.24
C LYS A 73 -12.86 8.78 -8.16
N THR A 74 -11.89 8.01 -7.68
CA THR A 74 -10.96 8.47 -6.66
C THR A 74 -9.64 7.75 -6.94
N PRO A 75 -8.59 8.06 -6.16
CA PRO A 75 -7.33 7.37 -6.41
C PRO A 75 -7.53 5.88 -6.13
N VAL A 76 -6.65 5.07 -6.71
CA VAL A 76 -6.70 3.62 -6.52
C VAL A 76 -5.29 3.20 -6.17
N VAL A 77 -5.12 1.93 -5.81
CA VAL A 77 -3.79 1.42 -5.53
C VAL A 77 -3.54 0.32 -6.53
N VAL A 78 -2.55 0.50 -7.39
CA VAL A 78 -2.20 -0.52 -8.36
C VAL A 78 -1.01 -1.26 -7.79
N MET A 79 -1.02 -2.58 -7.92
CA MET A 79 0.08 -3.36 -7.38
C MET A 79 0.32 -4.62 -8.19
N VAL A 80 1.56 -5.08 -8.16
CA VAL A 80 1.93 -6.28 -8.89
C VAL A 80 2.26 -7.37 -7.88
N LEU A 81 1.60 -8.51 -8.02
CA LEU A 81 1.82 -9.64 -7.12
C LEU A 81 2.56 -10.74 -7.85
N GLU A 82 3.55 -11.32 -7.18
CA GLU A 82 4.36 -12.38 -7.76
C GLU A 82 4.27 -13.65 -6.92
N GLY A 83 4.19 -14.79 -7.60
CA GLY A 83 4.12 -16.04 -6.89
C GLY A 83 3.69 -17.20 -7.78
N ARG A 84 3.75 -18.40 -7.24
CA ARG A 84 3.36 -19.59 -7.96
C ARG A 84 1.94 -19.46 -8.52
N TYR A 85 1.80 -19.54 -9.83
CA TYR A 85 0.50 -19.42 -10.50
C TYR A 85 -0.31 -18.23 -9.98
N ALA A 86 0.37 -17.12 -9.73
CA ALA A 86 -0.27 -15.92 -9.19
C ALA A 86 -1.54 -15.47 -9.90
N VAL A 87 -1.56 -15.55 -11.22
CA VAL A 87 -2.73 -15.11 -11.97
C VAL A 87 -4.02 -15.83 -11.58
N GLU A 88 -4.05 -17.15 -11.74
CA GLU A 88 -5.25 -17.91 -11.41
C GLU A 88 -5.56 -17.86 -9.90
N VAL A 89 -4.51 -17.85 -9.09
CA VAL A 89 -4.69 -17.81 -7.64
C VAL A 89 -5.37 -16.51 -7.19
N VAL A 90 -4.91 -15.38 -7.70
CA VAL A 90 -5.50 -14.11 -7.33
C VAL A 90 -6.94 -14.02 -7.84
N ARG A 91 -7.21 -14.56 -9.02
CA ARG A 91 -8.56 -14.54 -9.56
C ARG A 91 -9.48 -15.33 -8.63
N LYS A 92 -8.95 -16.45 -8.13
CA LYS A 92 -9.69 -17.31 -7.22
C LYS A 92 -9.96 -16.58 -5.91
N MET A 93 -8.95 -15.88 -5.42
CA MET A 93 -9.08 -15.13 -4.17
C MET A 93 -10.09 -13.98 -4.34
N ALA A 94 -10.13 -13.39 -5.52
CA ALA A 94 -11.05 -12.27 -5.78
C ALA A 94 -12.51 -12.69 -5.73
N GLY A 95 -12.84 -13.77 -6.41
CA GLY A 95 -14.22 -14.24 -6.40
C GLY A 95 -15.02 -13.72 -7.59
N ALA A 96 -16.29 -14.12 -7.65
CA ALA A 96 -17.19 -13.73 -8.72
C ALA A 96 -17.23 -12.23 -8.99
N THR A 97 -17.36 -11.87 -10.26
CA THR A 97 -17.42 -10.48 -10.70
C THR A 97 -18.45 -9.66 -9.94
N ASP A 98 -19.67 -10.19 -9.81
CA ASP A 98 -20.70 -9.50 -9.06
C ASP A 98 -20.56 -10.01 -7.64
N PRO A 99 -20.21 -9.12 -6.69
CA PRO A 99 -20.03 -9.51 -5.29
C PRO A 99 -21.16 -10.28 -4.62
N LYS A 100 -22.40 -10.08 -5.05
CA LYS A 100 -23.50 -10.80 -4.42
C LYS A 100 -23.39 -12.30 -4.71
N ASP A 101 -22.69 -12.64 -5.79
CA ASP A 101 -22.51 -14.04 -6.20
C ASP A 101 -21.20 -14.62 -5.68
N ALA A 102 -20.35 -13.78 -5.14
CA ALA A 102 -19.04 -14.23 -4.65
C ALA A 102 -19.16 -15.01 -3.35
N ALA A 103 -18.42 -16.11 -3.28
CA ALA A 103 -18.44 -16.98 -2.11
C ALA A 103 -17.80 -16.37 -0.88
N PRO A 104 -18.38 -16.64 0.30
CA PRO A 104 -17.80 -16.09 1.53
C PRO A 104 -16.37 -16.61 1.57
N GLY A 105 -15.44 -15.77 2.01
CA GLY A 105 -14.04 -16.19 2.05
C GLY A 105 -13.23 -15.50 0.98
N THR A 106 -13.87 -15.17 -0.14
CA THR A 106 -13.17 -14.47 -1.22
C THR A 106 -13.23 -12.98 -0.89
N ILE A 107 -12.38 -12.20 -1.55
CA ILE A 107 -12.33 -10.76 -1.30
C ILE A 107 -13.66 -10.09 -1.64
N ARG A 108 -14.20 -10.36 -2.83
CA ARG A 108 -15.48 -9.76 -3.20
C ARG A 108 -16.60 -10.34 -2.35
N GLY A 109 -16.47 -11.61 -1.98
CA GLY A 109 -17.48 -12.25 -1.16
C GLY A 109 -17.59 -11.65 0.22
N ASP A 110 -16.46 -11.32 0.84
CA ASP A 110 -16.50 -10.76 2.19
C ASP A 110 -16.70 -9.25 2.25
N PHE A 111 -16.20 -8.54 1.24
CA PHE A 111 -16.27 -7.08 1.22
C PHE A 111 -17.24 -6.40 0.27
N GLY A 112 -17.63 -7.07 -0.81
CA GLY A 112 -18.51 -6.42 -1.77
C GLY A 112 -19.98 -6.77 -1.78
N LEU A 113 -20.79 -5.83 -2.26
CA LEU A 113 -22.23 -6.02 -2.36
C LEU A 113 -22.92 -4.90 -3.13
N GLU A 114 -22.89 -3.70 -2.57
CA GLU A 114 -23.53 -2.54 -3.18
C GLU A 114 -22.91 -2.11 -4.50
N VAL A 115 -23.75 -1.61 -5.40
CA VAL A 115 -23.28 -1.18 -6.71
C VAL A 115 -23.86 0.18 -7.08
N SER A 116 -23.23 0.81 -8.06
CA SER A 116 -23.69 2.10 -8.56
C SER A 116 -24.17 1.78 -9.98
N ASP A 117 -23.82 2.62 -10.94
CA ASP A 117 -24.19 2.34 -12.32
C ASP A 117 -23.20 1.28 -12.81
N ALA A 118 -22.15 1.08 -12.02
CA ALA A 118 -21.12 0.09 -12.32
C ALA A 118 -21.20 -0.98 -11.23
N ILE A 119 -20.78 -2.20 -11.55
CA ILE A 119 -20.79 -3.27 -10.57
C ILE A 119 -19.54 -3.11 -9.71
N CYS A 120 -19.65 -2.30 -8.65
CA CYS A 120 -18.53 -2.06 -7.74
C CYS A 120 -18.13 -3.38 -7.11
N ASN A 121 -16.86 -3.77 -7.26
CA ASN A 121 -16.42 -5.04 -6.70
C ASN A 121 -15.05 -5.10 -6.05
N VAL A 122 -14.71 -4.04 -5.32
CA VAL A 122 -13.48 -3.98 -4.53
C VAL A 122 -12.12 -4.01 -5.24
N ILE A 123 -11.89 -5.00 -6.10
CA ILE A 123 -10.61 -5.09 -6.79
C ILE A 123 -10.72 -5.59 -8.22
N HIS A 124 -9.61 -5.38 -8.94
CA HIS A 124 -9.45 -5.86 -10.31
C HIS A 124 -8.29 -6.84 -10.23
N ALA A 125 -8.35 -7.91 -11.02
CA ALA A 125 -7.27 -8.89 -11.05
C ALA A 125 -7.13 -9.31 -12.51
N SER A 126 -5.89 -9.35 -13.02
CA SER A 126 -5.64 -9.75 -14.40
C SER A 126 -6.29 -11.11 -14.64
N ASP A 127 -6.85 -11.32 -15.83
CA ASP A 127 -7.50 -12.60 -16.11
C ASP A 127 -6.60 -13.66 -16.73
N SER A 128 -5.37 -13.30 -17.09
CA SER A 128 -4.43 -14.23 -17.68
C SER A 128 -3.02 -13.69 -17.62
N LYS A 129 -2.04 -14.56 -17.85
CA LYS A 129 -0.65 -14.15 -17.83
C LYS A 129 -0.43 -13.08 -18.90
N GLU A 130 -1.06 -13.28 -20.05
CA GLU A 130 -0.95 -12.35 -21.17
C GLU A 130 -1.50 -10.99 -20.79
N SER A 131 -2.70 -10.98 -20.22
CA SER A 131 -3.34 -9.74 -19.80
C SER A 131 -2.52 -9.06 -18.70
N ALA A 132 -2.01 -9.85 -17.77
CA ALA A 132 -1.20 -9.31 -16.68
C ALA A 132 0.00 -8.55 -17.26
N GLU A 133 0.70 -9.17 -18.20
CA GLU A 133 1.85 -8.56 -18.84
C GLU A 133 1.47 -7.19 -19.40
N ARG A 134 0.38 -7.16 -20.17
CA ARG A 134 -0.10 -5.93 -20.78
C ARG A 134 -0.48 -4.87 -19.74
N GLU A 135 -1.25 -5.28 -18.75
CA GLU A 135 -1.70 -4.37 -17.71
C GLU A 135 -0.55 -3.83 -16.85
N ILE A 136 0.39 -4.70 -16.51
CA ILE A 136 1.53 -4.28 -15.71
C ILE A 136 2.29 -3.18 -16.47
N SER A 137 2.45 -3.36 -17.78
CA SER A 137 3.15 -2.38 -18.60
C SER A 137 2.41 -1.05 -18.67
N LEU A 138 1.09 -1.09 -18.55
CA LEU A 138 0.30 0.13 -18.60
C LEU A 138 0.54 1.03 -17.38
N PHE A 139 0.68 0.41 -16.22
CA PHE A 139 0.85 1.18 -14.99
C PHE A 139 2.24 1.28 -14.41
N PHE A 140 3.15 0.38 -14.78
CA PHE A 140 4.50 0.41 -14.22
C PHE A 140 5.66 0.41 -15.21
N LYS A 141 6.74 1.06 -14.79
CA LYS A 141 7.97 1.10 -15.58
C LYS A 141 8.82 0.03 -14.90
N PRO A 142 9.79 -0.54 -15.62
CA PRO A 142 10.65 -1.58 -15.03
C PRO A 142 11.29 -1.17 -13.71
N GLU A 143 11.61 0.10 -13.58
CA GLU A 143 12.25 0.63 -12.38
C GLU A 143 11.36 0.66 -11.14
N GLU A 144 10.07 0.39 -11.33
CA GLU A 144 9.11 0.39 -10.23
C GLU A 144 8.79 -1.04 -9.78
N LEU A 145 9.43 -2.02 -10.40
CA LEU A 145 9.21 -3.43 -10.06
C LEU A 145 10.49 -3.98 -9.46
N PHE A 146 10.38 -4.71 -8.36
CA PHE A 146 11.55 -5.21 -7.67
C PHE A 146 11.67 -6.71 -7.45
N GLU A 147 12.92 -7.14 -7.30
CA GLU A 147 13.26 -8.52 -7.04
C GLU A 147 13.95 -8.53 -5.67
N TYR A 148 13.32 -9.15 -4.69
CA TYR A 148 13.88 -9.19 -3.35
C TYR A 148 13.31 -10.39 -2.60
N PRO A 149 13.96 -10.80 -1.51
CA PRO A 149 13.45 -11.95 -0.76
C PRO A 149 12.44 -11.64 0.33
N ARG A 150 11.39 -12.44 0.38
CA ARG A 150 10.41 -12.31 1.43
C ARG A 150 10.98 -13.25 2.49
N ALA A 151 10.56 -13.09 3.74
CA ALA A 151 11.09 -13.90 4.83
C ALA A 151 11.24 -15.39 4.59
N ALA A 152 10.17 -16.04 4.16
CA ALA A 152 10.19 -17.49 3.98
C ALA A 152 10.68 -18.03 2.63
N ASP A 153 11.14 -17.17 1.74
CA ASP A 153 11.60 -17.64 0.44
C ASP A 153 12.58 -18.81 0.51
N TRP A 154 13.55 -18.71 1.43
CA TRP A 154 14.56 -19.76 1.57
C TRP A 154 14.00 -21.15 1.87
N PHE A 155 12.85 -21.18 2.54
CA PHE A 155 12.23 -22.45 2.91
C PHE A 155 11.89 -23.35 1.72
N TYR A 156 11.48 -22.74 0.62
CA TYR A 156 11.07 -23.49 -0.55
C TYR A 156 12.17 -23.77 -1.57
N LYS A 157 13.35 -23.20 -1.34
CA LYS A 157 14.47 -23.40 -2.25
C LYS A 157 14.88 -24.85 -2.21
N LYS A 158 14.83 -25.50 -3.37
CA LYS A 158 15.21 -26.90 -3.50
C LYS A 158 16.73 -27.01 -3.40
N GLY A 159 17.27 -26.65 -2.25
CA GLY A 159 18.70 -26.69 -2.06
C GLY A 159 19.38 -25.58 -2.84
N SER B 5 -5.28 24.71 10.13
CA SER B 5 -6.24 23.88 10.93
C SER B 5 -5.49 22.81 11.69
N GLU B 6 -6.22 21.81 12.17
CA GLU B 6 -5.61 20.72 12.92
C GLU B 6 -5.17 19.60 11.99
N THR B 7 -5.61 19.65 10.74
CA THR B 7 -5.25 18.61 9.77
C THR B 7 -3.79 18.72 9.37
N GLU B 8 -3.07 17.61 9.50
CA GLU B 8 -1.65 17.57 9.15
C GLU B 8 -1.34 16.37 8.28
N ARG B 9 -0.15 16.36 7.70
CA ARG B 9 0.30 15.26 6.88
C ARG B 9 1.63 14.77 7.48
N THR B 10 1.78 13.46 7.57
CA THR B 10 3.01 12.91 8.12
C THR B 10 3.52 11.80 7.21
N LEU B 11 4.82 11.53 7.29
CA LEU B 11 5.45 10.51 6.46
C LEU B 11 5.70 9.23 7.24
N VAL B 12 5.28 8.11 6.65
CA VAL B 12 5.49 6.81 7.26
C VAL B 12 6.28 5.93 6.29
N ILE B 13 7.25 5.21 6.81
CA ILE B 13 7.99 4.30 5.97
C ILE B 13 7.79 2.92 6.58
N ILE B 14 7.27 1.99 5.79
CA ILE B 14 7.11 0.63 6.25
C ILE B 14 8.47 0.03 5.86
N LYS B 15 9.30 -0.13 6.88
CA LYS B 15 10.67 -0.62 6.71
C LYS B 15 10.87 -2.04 6.19
N PRO B 16 12.09 -2.35 5.71
CA PRO B 16 12.39 -3.68 5.17
C PRO B 16 11.98 -4.87 6.04
N ASP B 17 12.12 -4.76 7.35
CA ASP B 17 11.72 -5.88 8.20
C ASP B 17 10.23 -6.16 8.08
N ALA B 18 9.42 -5.10 8.02
CA ALA B 18 7.98 -5.25 7.88
C ALA B 18 7.62 -5.82 6.52
N VAL B 19 8.29 -5.33 5.47
CA VAL B 19 8.01 -5.81 4.12
C VAL B 19 8.35 -7.29 4.00
N VAL B 20 9.55 -7.65 4.43
CA VAL B 20 10.00 -9.04 4.37
C VAL B 20 9.07 -9.97 5.14
N ARG B 21 8.60 -9.53 6.30
CA ARG B 21 7.71 -10.33 7.13
C ARG B 21 6.25 -10.33 6.69
N GLY B 22 5.95 -9.59 5.63
CA GLY B 22 4.58 -9.53 5.11
C GLY B 22 3.59 -8.81 5.99
N LEU B 23 4.02 -7.71 6.59
CA LEU B 23 3.17 -6.93 7.49
C LEU B 23 2.64 -5.62 6.90
N ILE B 24 2.87 -5.40 5.61
CA ILE B 24 2.41 -4.16 4.98
C ILE B 24 0.92 -3.90 5.21
N GLY B 25 0.10 -4.89 4.88
CA GLY B 25 -1.34 -4.74 5.04
C GLY B 25 -1.82 -4.46 6.45
N GLU B 26 -1.27 -5.20 7.42
CA GLU B 26 -1.67 -5.02 8.81
C GLU B 26 -1.35 -3.62 9.32
N ILE B 27 -0.22 -3.09 8.88
CA ILE B 27 0.18 -1.75 9.31
C ILE B 27 -0.75 -0.71 8.68
N ILE B 28 -0.98 -0.83 7.38
CA ILE B 28 -1.86 0.11 6.70
C ILE B 28 -3.26 0.10 7.32
N SER B 29 -3.77 -1.10 7.63
CA SER B 29 -5.10 -1.21 8.22
C SER B 29 -5.22 -0.45 9.53
N ARG B 30 -4.15 -0.43 10.33
CA ARG B 30 -4.23 0.29 11.60
C ARG B 30 -4.48 1.77 11.37
N PHE B 31 -3.84 2.33 10.35
CA PHE B 31 -4.02 3.75 10.05
C PHE B 31 -5.41 4.00 9.46
N GLU B 32 -5.86 3.11 8.56
CA GLU B 32 -7.17 3.27 7.98
C GLU B 32 -8.26 3.19 9.05
N LYS B 33 -8.11 2.24 9.98
CA LYS B 33 -9.09 2.05 11.05
C LYS B 33 -9.16 3.25 12.00
N LYS B 34 -8.03 3.93 12.18
CA LYS B 34 -7.94 5.09 13.06
C LYS B 34 -8.70 6.26 12.44
N GLY B 35 -8.84 6.24 11.12
CA GLY B 35 -9.54 7.31 10.43
C GLY B 35 -8.58 8.17 9.63
N LEU B 36 -7.31 7.80 9.62
CA LEU B 36 -6.30 8.54 8.87
C LEU B 36 -6.48 8.24 7.37
N LYS B 37 -6.19 9.22 6.54
CA LYS B 37 -6.32 9.09 5.10
C LYS B 37 -4.97 8.93 4.42
N ILE B 38 -4.87 7.96 3.52
CA ILE B 38 -3.64 7.74 2.78
C ILE B 38 -3.73 8.63 1.55
N VAL B 39 -2.92 9.68 1.49
CA VAL B 39 -2.98 10.60 0.36
C VAL B 39 -1.87 10.36 -0.66
N GLY B 40 -0.93 9.47 -0.30
CA GLY B 40 0.15 9.12 -1.19
C GLY B 40 0.79 7.83 -0.72
N MET B 41 1.22 6.99 -1.65
CA MET B 41 1.85 5.73 -1.28
C MET B 41 2.49 5.01 -2.46
N LYS B 42 3.64 4.38 -2.20
CA LYS B 42 4.34 3.64 -3.23
C LYS B 42 5.45 2.78 -2.66
N MET B 43 5.75 1.69 -3.36
CA MET B 43 6.84 0.81 -2.96
C MET B 43 8.04 1.29 -3.77
N ILE B 44 9.14 1.56 -3.07
CA ILE B 44 10.36 2.01 -3.71
C ILE B 44 11.52 1.29 -3.04
N TRP B 45 12.69 1.33 -3.65
CA TRP B 45 13.87 0.72 -3.04
C TRP B 45 14.81 1.89 -2.83
N ILE B 46 14.93 2.32 -1.58
CA ILE B 46 15.77 3.46 -1.22
C ILE B 46 17.26 3.20 -1.46
N ASP B 47 17.92 4.16 -2.08
CA ASP B 47 19.35 4.07 -2.35
C ASP B 47 20.07 4.78 -1.22
N ARG B 48 21.38 4.55 -1.09
CA ARG B 48 22.11 5.18 0.01
C ARG B 48 22.04 6.70 0.07
N GLU B 49 22.07 7.38 -1.08
CA GLU B 49 22.01 8.83 -1.11
C GLU B 49 20.71 9.33 -0.47
N LEU B 50 19.59 8.76 -0.89
CA LEU B 50 18.28 9.15 -0.36
C LEU B 50 18.14 8.76 1.10
N ALA B 51 18.66 7.58 1.46
CA ALA B 51 18.60 7.11 2.84
C ALA B 51 19.37 8.05 3.77
N GLU B 52 20.57 8.43 3.35
CA GLU B 52 21.39 9.32 4.16
C GLU B 52 20.78 10.72 4.25
N LYS B 53 20.03 11.11 3.23
CA LYS B 53 19.39 12.43 3.23
C LYS B 53 18.22 12.41 4.22
N HIS B 54 17.44 11.35 4.18
CA HIS B 54 16.29 11.19 5.09
C HIS B 54 16.79 11.21 6.54
N TYR B 55 17.88 10.51 6.79
CA TYR B 55 18.46 10.42 8.13
C TYR B 55 19.68 11.32 8.31
N GLU B 56 19.70 12.47 7.64
CA GLU B 56 20.85 13.36 7.74
C GLU B 56 21.11 13.85 9.15
N GLU B 57 20.06 13.98 9.96
CA GLU B 57 20.21 14.45 11.33
C GLU B 57 20.99 13.47 12.21
N HIS B 58 21.22 12.27 11.68
CA HIS B 58 21.96 11.24 12.41
C HIS B 58 23.29 10.97 11.72
N ARG B 59 23.61 11.81 10.75
CA ARG B 59 24.85 11.71 9.97
C ARG B 59 26.07 11.46 10.84
N GLU B 60 26.17 12.18 11.95
CA GLU B 60 27.31 12.05 12.85
C GLU B 60 27.05 11.19 14.08
N LYS B 61 26.26 10.13 13.91
CA LYS B 61 25.96 9.22 15.01
C LYS B 61 26.47 7.82 14.68
N PRO B 62 27.02 7.12 15.68
CA PRO B 62 27.58 5.77 15.57
C PRO B 62 26.72 4.72 14.86
N PHE B 63 25.40 4.78 15.05
CA PHE B 63 24.49 3.82 14.45
C PHE B 63 24.10 4.16 13.01
N PHE B 64 24.56 5.30 12.52
CA PHE B 64 24.24 5.76 11.17
C PHE B 64 24.42 4.72 10.08
N LYS B 65 25.62 4.15 9.99
CA LYS B 65 25.92 3.15 8.98
C LYS B 65 24.97 1.95 8.99
N ALA B 66 24.74 1.39 10.18
CA ALA B 66 23.85 0.24 10.31
C ALA B 66 22.44 0.64 9.90
N LEU B 67 22.08 1.89 10.21
CA LEU B 67 20.77 2.41 9.88
C LEU B 67 20.55 2.49 8.37
N ILE B 68 21.58 2.94 7.65
CA ILE B 68 21.47 3.07 6.20
C ILE B 68 21.38 1.67 5.56
N ASP B 69 22.18 0.74 6.05
CA ASP B 69 22.17 -0.64 5.55
C ASP B 69 20.78 -1.22 5.72
N TYR B 70 20.21 -0.98 6.89
CA TYR B 70 18.87 -1.48 7.24
C TYR B 70 17.76 -0.91 6.36
N ILE B 71 17.67 0.40 6.27
CA ILE B 71 16.60 1.03 5.50
C ILE B 71 16.68 0.77 3.99
N THR B 72 17.86 0.37 3.50
CA THR B 72 18.03 0.11 2.07
C THR B 72 18.16 -1.39 1.78
N LYS B 73 17.92 -2.23 2.78
CA LYS B 73 18.05 -3.67 2.61
C LYS B 73 17.15 -4.31 1.56
N THR B 74 15.89 -3.88 1.54
CA THR B 74 14.91 -4.38 0.57
C THR B 74 13.99 -3.21 0.26
N PRO B 75 13.02 -3.41 -0.66
CA PRO B 75 12.12 -2.29 -0.93
C PRO B 75 11.31 -1.97 0.33
N VAL B 76 10.80 -0.75 0.40
CA VAL B 76 9.98 -0.31 1.52
C VAL B 76 8.72 0.27 0.92
N VAL B 77 7.77 0.63 1.78
CA VAL B 77 6.55 1.27 1.31
C VAL B 77 6.50 2.61 2.02
N VAL B 78 6.59 3.69 1.25
CA VAL B 78 6.52 5.02 1.83
C VAL B 78 5.10 5.50 1.60
N MET B 79 4.56 6.22 2.57
CA MET B 79 3.20 6.71 2.43
C MET B 79 2.99 7.97 3.25
N VAL B 80 2.03 8.78 2.82
CA VAL B 80 1.72 10.02 3.51
C VAL B 80 0.33 9.87 4.09
N LEU B 81 0.24 10.07 5.40
CA LEU B 81 -1.04 9.96 6.11
C LEU B 81 -1.53 11.35 6.47
N GLU B 82 -2.80 11.61 6.18
CA GLU B 82 -3.40 12.91 6.47
C GLU B 82 -4.53 12.77 7.48
N GLY B 83 -4.57 13.70 8.43
CA GLY B 83 -5.61 13.67 9.43
C GLY B 83 -5.35 14.62 10.59
N ARG B 84 -6.35 14.74 11.46
CA ARG B 84 -6.25 15.59 12.63
C ARG B 84 -5.02 15.26 13.47
N TYR B 85 -4.13 16.24 13.66
CA TYR B 85 -2.90 16.07 14.43
C TYR B 85 -2.18 14.77 14.08
N ALA B 86 -2.20 14.43 12.79
CA ALA B 86 -1.58 13.22 12.30
C ALA B 86 -0.15 12.95 12.75
N VAL B 87 0.68 13.98 12.85
CA VAL B 87 2.06 13.77 13.25
C VAL B 87 2.19 13.14 14.64
N GLU B 88 1.63 13.78 15.66
CA GLU B 88 1.74 13.24 17.00
C GLU B 88 0.97 11.92 17.13
N VAL B 89 -0.17 11.83 16.45
CA VAL B 89 -0.99 10.63 16.52
C VAL B 89 -0.29 9.40 15.95
N VAL B 90 0.28 9.53 14.76
CA VAL B 90 0.98 8.40 14.16
C VAL B 90 2.21 8.03 14.99
N ARG B 91 2.88 9.03 15.57
CA ARG B 91 4.03 8.74 16.42
C ARG B 91 3.58 7.90 17.61
N LYS B 92 2.42 8.26 18.17
CA LYS B 92 1.87 7.55 19.31
C LYS B 92 1.50 6.12 18.91
N MET B 93 0.94 5.97 17.71
CA MET B 93 0.56 4.65 17.22
C MET B 93 1.80 3.78 17.00
N ALA B 94 2.89 4.41 16.58
CA ALA B 94 4.14 3.69 16.33
C ALA B 94 4.72 3.08 17.61
N GLY B 95 4.74 3.86 18.69
CA GLY B 95 5.30 3.36 19.93
C GLY B 95 6.77 3.70 20.09
N ALA B 96 7.36 3.29 21.21
CA ALA B 96 8.77 3.57 21.51
C ALA B 96 9.73 3.10 20.42
N THR B 97 10.75 3.91 20.18
CA THR B 97 11.77 3.64 19.16
C THR B 97 12.30 2.21 19.19
N ASP B 98 12.70 1.73 20.36
CA ASP B 98 13.19 0.35 20.47
C ASP B 98 11.93 -0.45 20.76
N PRO B 99 11.52 -1.32 19.82
CA PRO B 99 10.32 -2.13 19.99
C PRO B 99 10.19 -2.92 21.29
N LYS B 100 11.31 -3.28 21.92
CA LYS B 100 11.21 -4.03 23.17
C LYS B 100 10.56 -3.16 24.25
N ASP B 101 10.68 -1.84 24.10
CA ASP B 101 10.12 -0.90 25.06
C ASP B 101 8.73 -0.41 24.68
N ALA B 102 8.32 -0.68 23.45
CA ALA B 102 7.01 -0.23 22.94
C ALA B 102 5.85 -0.96 23.60
N ALA B 103 4.82 -0.20 23.94
CA ALA B 103 3.65 -0.75 24.61
C ALA B 103 2.79 -1.65 23.73
N PRO B 104 2.23 -2.73 24.32
CA PRO B 104 1.39 -3.63 23.53
C PRO B 104 0.25 -2.75 23.00
N GLY B 105 -0.14 -2.95 21.75
CA GLY B 105 -1.19 -2.13 21.19
C GLY B 105 -0.59 -1.19 20.14
N THR B 106 0.66 -0.80 20.33
CA THR B 106 1.33 0.06 19.34
C THR B 106 1.86 -0.84 18.24
N ILE B 107 2.22 -0.24 17.11
CA ILE B 107 2.74 -1.02 15.98
C ILE B 107 4.06 -1.71 16.35
N ARG B 108 4.98 -0.95 16.93
CA ARG B 108 6.26 -1.54 17.32
C ARG B 108 6.05 -2.50 18.49
N GLY B 109 5.10 -2.17 19.35
CA GLY B 109 4.82 -3.01 20.50
C GLY B 109 4.28 -4.38 20.13
N ASP B 110 3.42 -4.44 19.11
CA ASP B 110 2.84 -5.71 18.69
C ASP B 110 3.68 -6.49 17.69
N PHE B 111 4.42 -5.77 16.83
CA PHE B 111 5.19 -6.40 15.77
C PHE B 111 6.72 -6.43 15.86
N GLY B 112 7.32 -5.54 16.65
CA GLY B 112 8.77 -5.51 16.68
C GLY B 112 9.46 -6.02 17.93
N LEU B 113 10.70 -6.50 17.76
CA LEU B 113 11.49 -7.00 18.87
C LEU B 113 12.94 -7.26 18.49
N GLU B 114 13.15 -8.19 17.56
CA GLU B 114 14.50 -8.54 17.13
C GLU B 114 15.21 -7.43 16.39
N VAL B 115 16.53 -7.39 16.54
CA VAL B 115 17.33 -6.36 15.89
C VAL B 115 18.56 -6.94 15.21
N SER B 116 19.14 -6.16 14.31
CA SER B 116 20.36 -6.55 13.61
C SER B 116 21.39 -5.60 14.19
N ASP B 117 22.27 -5.06 13.35
CA ASP B 117 23.23 -4.09 13.86
C ASP B 117 22.45 -2.80 14.03
N ALA B 118 21.27 -2.75 13.40
CA ALA B 118 20.38 -1.59 13.50
C ALA B 118 19.20 -1.99 14.37
N ILE B 119 18.58 -1.01 15.01
CA ILE B 119 17.43 -1.29 15.87
C ILE B 119 16.20 -1.37 14.99
N CYS B 120 16.00 -2.53 14.37
CA CYS B 120 14.86 -2.75 13.47
C CYS B 120 13.58 -2.45 14.23
N ASN B 121 12.79 -1.51 13.72
CA ASN B 121 11.56 -1.15 14.43
C ASN B 121 10.30 -0.99 13.60
N VAL B 122 10.15 -1.86 12.60
CA VAL B 122 8.97 -1.93 11.75
C VAL B 122 8.63 -0.76 10.84
N ILE B 123 8.48 0.43 11.42
CA ILE B 123 8.17 1.61 10.62
C ILE B 123 8.92 2.85 11.08
N HIS B 124 8.82 3.88 10.26
CA HIS B 124 9.37 5.20 10.54
C HIS B 124 8.14 6.11 10.56
N ALA B 125 8.13 7.07 11.47
CA ALA B 125 7.04 8.05 11.55
C ALA B 125 7.71 9.39 11.79
N SER B 126 7.32 10.41 11.03
CA SER B 126 7.91 11.73 11.20
C SER B 126 7.79 12.17 12.66
N ASP B 127 8.84 12.76 13.22
CA ASP B 127 8.83 13.18 14.62
C ASP B 127 8.20 14.54 14.87
N SER B 128 8.07 15.36 13.84
CA SER B 128 7.50 16.69 14.00
C SER B 128 6.91 17.20 12.69
N LYS B 129 6.16 18.30 12.77
CA LYS B 129 5.56 18.88 11.56
C LYS B 129 6.68 19.33 10.64
N GLU B 130 7.75 19.85 11.21
CA GLU B 130 8.88 20.31 10.42
C GLU B 130 9.55 19.14 9.71
N SER B 131 9.76 18.05 10.44
CA SER B 131 10.39 16.87 9.85
C SER B 131 9.47 16.22 8.83
N ALA B 132 8.17 16.22 9.12
CA ALA B 132 7.19 15.63 8.20
C ALA B 132 7.25 16.36 6.86
N GLU B 133 7.27 17.68 6.92
CA GLU B 133 7.32 18.50 5.72
C GLU B 133 8.57 18.18 4.89
N ARG B 134 9.71 18.11 5.55
CA ARG B 134 10.97 17.82 4.87
C ARG B 134 10.98 16.42 4.26
N GLU B 135 10.56 15.44 5.06
CA GLU B 135 10.54 14.05 4.62
C GLU B 135 9.56 13.76 3.48
N ILE B 136 8.38 14.36 3.53
CA ILE B 136 7.40 14.12 2.47
C ILE B 136 7.98 14.59 1.14
N SER B 137 8.68 15.72 1.16
CA SER B 137 9.28 16.28 -0.04
C SER B 137 10.39 15.40 -0.63
N LEU B 138 11.11 14.70 0.25
CA LEU B 138 12.19 13.83 -0.19
C LEU B 138 11.68 12.63 -0.97
N PHE B 139 10.52 12.11 -0.56
CA PHE B 139 9.97 10.93 -1.20
C PHE B 139 8.83 11.14 -2.19
N PHE B 140 8.08 12.24 -2.04
CA PHE B 140 6.95 12.47 -2.94
C PHE B 140 6.92 13.80 -3.67
N LYS B 141 6.43 13.75 -4.90
CA LYS B 141 6.25 14.94 -5.70
C LYS B 141 4.79 15.30 -5.48
N PRO B 142 4.44 16.59 -5.54
CA PRO B 142 3.05 17.00 -5.34
C PRO B 142 2.07 16.22 -6.21
N GLU B 143 2.52 15.82 -7.39
CA GLU B 143 1.70 15.08 -8.34
C GLU B 143 1.33 13.68 -7.85
N GLU B 144 2.03 13.22 -6.80
CA GLU B 144 1.79 11.90 -6.23
C GLU B 144 0.95 11.95 -4.97
N LEU B 145 0.49 13.14 -4.59
CA LEU B 145 -0.33 13.31 -3.40
C LEU B 145 -1.71 13.72 -3.82
N PHE B 146 -2.73 13.09 -3.24
CA PHE B 146 -4.10 13.37 -3.65
C PHE B 146 -5.09 13.85 -2.61
N GLU B 147 -6.09 14.58 -3.10
CA GLU B 147 -7.17 15.10 -2.28
C GLU B 147 -8.44 14.39 -2.74
N TYR B 148 -9.02 13.59 -1.88
CA TYR B 148 -10.23 12.84 -2.22
C TYR B 148 -10.98 12.51 -0.94
N PRO B 149 -12.26 12.16 -1.06
CA PRO B 149 -13.04 11.83 0.13
C PRO B 149 -13.01 10.38 0.59
N ARG B 150 -12.82 10.19 1.89
CA ARG B 150 -12.88 8.86 2.46
C ARG B 150 -14.37 8.74 2.80
N ALA B 151 -14.86 7.52 2.93
CA ALA B 151 -16.28 7.31 3.21
C ALA B 151 -16.95 8.21 4.24
N ALA B 152 -16.38 8.28 5.44
CA ALA B 152 -16.98 9.06 6.51
C ALA B 152 -16.65 10.55 6.61
N ASP B 153 -15.91 11.09 5.65
CA ASP B 153 -15.54 12.51 5.70
C ASP B 153 -16.72 13.45 5.94
N TRP B 154 -17.84 13.16 5.28
CA TRP B 154 -19.03 14.01 5.42
C TRP B 154 -19.58 14.09 6.84
N PHE B 155 -19.41 13.01 7.60
CA PHE B 155 -19.91 12.95 8.97
C PHE B 155 -19.34 14.02 9.88
N TYR B 156 -18.09 14.41 9.62
CA TYR B 156 -17.40 15.37 10.46
C TYR B 156 -17.49 16.84 10.05
N LYS B 157 -18.22 17.13 8.98
CA LYS B 157 -18.35 18.52 8.54
C LYS B 157 -18.79 19.42 9.69
N LYS B 158 -18.04 20.51 9.91
CA LYS B 158 -18.35 21.44 10.99
C LYS B 158 -19.23 22.60 10.53
N GLY B 159 -19.79 23.32 11.49
CA GLY B 159 -20.64 24.45 11.18
C GLY B 159 -21.80 24.11 10.29
N ILE B 160 -22.45 25.13 9.75
CA ILE B 160 -23.59 24.95 8.87
C ILE B 160 -23.30 25.58 7.51
MG MG C . -11.55 -8.52 -16.49
CL CL D . 7.27 -14.67 3.89
CL CL E . -16.65 -16.84 -5.95
PB GDP F . -13.82 -9.00 -13.88
O1B GDP F . -12.68 -9.42 -14.74
O2B GDP F . -14.23 -10.13 -12.81
O3B GDP F . -13.50 -7.68 -13.02
O3A GDP F . -15.16 -8.69 -14.72
PA GDP F . -15.09 -8.13 -16.22
O1A GDP F . -13.68 -8.11 -16.66
O2A GDP F . -16.06 -8.90 -17.04
O5' GDP F . -15.63 -6.62 -16.07
C5' GDP F . -14.80 -5.61 -15.50
C4' GDP F . -15.62 -4.73 -14.54
O4' GDP F . -16.73 -4.09 -15.20
C3' GDP F . -16.25 -5.60 -13.45
O3' GDP F . -15.27 -5.86 -12.45
C2' GDP F . -17.26 -4.57 -12.93
O2' GDP F . -16.56 -3.53 -12.23
C1' GDP F . -17.81 -4.03 -14.25
N9 GDP F . -18.90 -4.89 -14.77
C8 GDP F . -18.78 -6.15 -15.19
N7 GDP F . -19.95 -6.59 -15.62
C5 GDP F . -20.84 -5.61 -15.49
C6 GDP F . -22.18 -5.49 -15.78
O6 GDP F . -22.80 -6.43 -16.28
N1 GDP F . -22.84 -4.28 -15.51
C2 GDP F . -22.11 -3.22 -14.96
N2 GDP F . -22.72 -2.08 -14.69
N3 GDP F . -20.81 -3.37 -14.69
C4 GDP F . -20.16 -4.52 -14.94
CL CL G . 5.12 3.03 23.50
CL CL H . 9.56 -15.19 11.23
#